data_2DLN
#
_entry.id   2DLN
#
_cell.length_a   99.300
_cell.length_b   51.400
_cell.length_c   51.200
_cell.angle_alpha   90.00
_cell.angle_beta   90.00
_cell.angle_gamma   90.00
#
_symmetry.space_group_name_H-M   'P 21 21 2'
#
loop_
_entity.id
_entity.type
_entity.pdbx_description
1 polymer 'D-ALANINE--D-ALANINE LIGASE'
2 non-polymer 'MAGNESIUM ION'
3 non-polymer "ADENOSINE-5'-DIPHOSPHATE"
4 non-polymer '1(S)-AMINOETHYL-(2-CARBOXYPROPYL)PHOSPHORYL-PHOSPHINIC ACID'
5 water water
#
_entity_poly.entity_id   1
_entity_poly.type   'polypeptide(L)'
_entity_poly.pdbx_seq_one_letter_code
;MTDKIAVLLGGTSAEREVSLNSGAAVLAGLREGGIDAYPVDPKEVDVTQLKSMGFQKVFIALHGRGGEDGTLQGMLELMG
LPYTGSGVMASALSMDKLRSKLLWQGAGLPVAPWVALTRAEFEKGLSDKQLAEISALGLPVIVKPSREGSSVGMSKVVAE
NALQDALRLAFQHDEEVLIEKWLSGPEFTVAILGEEILPSIRIQPSGTFYDYEAKYLSDETQYFCPAGLEASQEANLQAL
VLKAWTTLGCKGWGRIDVMLDSDGQFYLLEANTSPGMTSHSLVPMAARQAGMSFSQLVVRILELAD
;
_entity_poly.pdbx_strand_id   A
#
# COMPACT_ATOMS: atom_id res chain seq x y z
N MET A 1 -19.55 -23.43 4.19
CA MET A 1 -20.60 -23.61 5.23
C MET A 1 -19.88 -23.70 6.57
N THR A 2 -20.43 -23.05 7.57
CA THR A 2 -19.91 -22.88 8.93
C THR A 2 -18.76 -21.86 8.70
N ASP A 3 -17.99 -22.35 7.72
CA ASP A 3 -16.82 -21.70 7.15
C ASP A 3 -17.40 -20.77 6.05
N LYS A 4 -18.19 -19.89 6.63
CA LYS A 4 -18.82 -18.77 5.93
C LYS A 4 -17.68 -17.73 6.09
N ILE A 5 -17.19 -17.25 4.98
CA ILE A 5 -16.12 -16.25 4.99
C ILE A 5 -16.74 -14.89 4.70
N ALA A 6 -16.09 -13.88 5.28
CA ALA A 6 -16.56 -12.50 5.11
C ALA A 6 -15.45 -11.80 4.33
N VAL A 7 -15.93 -11.11 3.30
CA VAL A 7 -15.07 -10.32 2.41
C VAL A 7 -15.45 -8.84 2.66
N LEU A 8 -14.62 -8.23 3.45
CA LEU A 8 -14.70 -6.82 3.83
C LEU A 8 -14.22 -5.93 2.67
N LEU A 9 -15.20 -5.34 2.03
CA LEU A 9 -15.09 -4.45 0.88
C LEU A 9 -15.78 -3.13 1.26
N GLY A 10 -15.61 -2.12 0.44
CA GLY A 10 -16.20 -0.81 0.59
C GLY A 10 -15.44 -0.01 1.65
N GLY A 11 -16.17 0.19 2.74
CA GLY A 11 -15.66 0.94 3.90
C GLY A 11 -15.98 2.41 3.60
N THR A 12 -15.19 3.29 4.16
CA THR A 12 -15.36 4.72 4.02
C THR A 12 -14.09 5.50 3.79
N SER A 13 -13.03 4.94 3.29
CA SER A 13 -11.78 5.71 3.11
C SER A 13 -11.90 6.45 1.79
N ALA A 14 -10.80 7.09 1.42
CA ALA A 14 -10.74 7.80 0.14
C ALA A 14 -10.56 6.73 -0.95
N GLU A 15 -10.18 5.54 -0.52
CA GLU A 15 -9.92 4.42 -1.43
C GLU A 15 -11.08 3.45 -1.55
N ARG A 16 -12.21 3.90 -0.99
CA ARG A 16 -13.46 3.19 -0.97
C ARG A 16 -13.89 2.57 -2.29
N GLU A 17 -13.80 3.20 -3.43
CA GLU A 17 -14.28 2.60 -4.71
C GLU A 17 -13.35 1.55 -5.27
N VAL A 18 -12.08 1.63 -4.95
CA VAL A 18 -11.08 0.64 -5.38
C VAL A 18 -11.39 -0.63 -4.54
N SER A 19 -11.69 -0.40 -3.29
CA SER A 19 -12.01 -1.48 -2.34
C SER A 19 -13.19 -2.31 -2.82
N LEU A 20 -14.23 -1.62 -3.25
CA LEU A 20 -15.47 -2.22 -3.79
C LEU A 20 -15.10 -3.06 -5.01
N ASN A 21 -14.10 -2.53 -5.72
CA ASN A 21 -13.59 -3.18 -6.93
C ASN A 21 -12.70 -4.36 -6.56
N SER A 22 -11.83 -4.17 -5.60
CA SER A 22 -10.95 -5.24 -5.10
C SER A 22 -11.85 -6.37 -4.54
N GLY A 23 -12.83 -5.98 -3.76
CA GLY A 23 -13.78 -6.86 -3.10
C GLY A 23 -14.65 -7.68 -4.02
N ALA A 24 -15.04 -7.11 -5.14
CA ALA A 24 -15.88 -7.79 -6.15
C ALA A 24 -15.10 -8.96 -6.78
N ALA A 25 -13.81 -8.75 -6.95
CA ALA A 25 -12.89 -9.71 -7.55
C ALA A 25 -12.57 -10.88 -6.64
N VAL A 26 -12.22 -10.59 -5.40
CA VAL A 26 -11.92 -11.58 -4.38
C VAL A 26 -13.15 -12.47 -4.17
N LEU A 27 -14.34 -11.87 -4.21
CA LEU A 27 -15.60 -12.58 -4.06
C LEU A 27 -15.73 -13.71 -5.09
N ALA A 28 -15.76 -13.37 -6.35
CA ALA A 28 -15.88 -14.36 -7.44
C ALA A 28 -14.73 -15.36 -7.45
N GLY A 29 -13.57 -14.84 -7.14
CA GLY A 29 -12.33 -15.66 -7.10
C GLY A 29 -12.50 -16.76 -6.07
N LEU A 30 -12.97 -16.37 -4.91
CA LEU A 30 -13.18 -17.29 -3.79
C LEU A 30 -14.27 -18.33 -4.07
N ARG A 31 -15.37 -17.87 -4.61
CA ARG A 31 -16.55 -18.68 -4.94
C ARG A 31 -16.20 -19.64 -6.07
N GLU A 32 -15.27 -19.23 -6.90
CA GLU A 32 -14.74 -20.01 -8.02
C GLU A 32 -13.84 -21.14 -7.53
N GLY A 33 -13.26 -20.92 -6.36
CA GLY A 33 -12.38 -21.87 -5.67
C GLY A 33 -13.19 -22.67 -4.63
N GLY A 34 -14.49 -22.61 -4.75
CA GLY A 34 -15.49 -23.22 -3.95
C GLY A 34 -15.79 -22.76 -2.55
N ILE A 35 -15.52 -21.50 -2.22
CA ILE A 35 -15.78 -20.95 -0.88
C ILE A 35 -17.09 -20.19 -0.76
N ASP A 36 -17.65 -20.25 0.45
CA ASP A 36 -18.92 -19.54 0.76
C ASP A 36 -18.50 -18.19 1.37
N ALA A 37 -18.30 -17.24 0.49
CA ALA A 37 -17.90 -15.87 0.75
C ALA A 37 -19.10 -14.94 0.50
N TYR A 38 -19.15 -13.92 1.32
CA TYR A 38 -20.16 -12.88 1.37
C TYR A 38 -19.56 -11.47 1.47
N PRO A 39 -20.19 -10.58 0.71
CA PRO A 39 -19.78 -9.16 0.68
C PRO A 39 -20.30 -8.47 1.94
N VAL A 40 -19.37 -7.87 2.67
CA VAL A 40 -19.68 -7.18 3.92
C VAL A 40 -19.11 -5.76 3.92
N ASP A 41 -19.93 -4.79 3.59
CA ASP A 41 -19.42 -3.39 3.55
C ASP A 41 -19.64 -2.78 4.94
N PRO A 42 -18.55 -2.43 5.61
CA PRO A 42 -18.56 -1.82 6.93
C PRO A 42 -19.36 -0.52 7.03
N LYS A 43 -19.64 0.06 5.89
CA LYS A 43 -20.41 1.26 5.70
C LYS A 43 -21.90 0.90 5.59
N GLU A 44 -22.30 -0.13 6.28
CA GLU A 44 -23.69 -0.62 6.32
C GLU A 44 -23.82 -1.49 7.57
N VAL A 45 -23.35 -2.71 7.42
CA VAL A 45 -23.34 -3.70 8.51
C VAL A 45 -22.33 -3.23 9.56
N ASP A 46 -22.62 -3.58 10.80
CA ASP A 46 -21.65 -3.20 11.88
C ASP A 46 -20.72 -4.43 11.99
N VAL A 47 -19.44 -4.20 11.67
CA VAL A 47 -18.43 -5.26 11.71
C VAL A 47 -18.31 -5.93 13.07
N THR A 48 -18.81 -5.27 14.09
CA THR A 48 -18.79 -5.74 15.47
C THR A 48 -19.67 -6.99 15.63
N GLN A 49 -20.70 -7.08 14.81
CA GLN A 49 -21.59 -8.24 14.88
C GLN A 49 -21.12 -9.35 13.95
N LEU A 50 -19.89 -9.27 13.49
CA LEU A 50 -19.24 -10.22 12.60
C LEU A 50 -19.28 -11.67 13.13
N LYS A 51 -18.97 -11.80 14.38
CA LYS A 51 -18.95 -13.10 15.09
C LYS A 51 -20.39 -13.60 15.22
N SER A 52 -21.28 -12.70 15.57
CA SER A 52 -22.71 -12.97 15.78
C SER A 52 -23.43 -13.33 14.49
N MET A 53 -22.70 -13.36 13.39
CA MET A 53 -23.21 -13.68 12.06
C MET A 53 -22.66 -14.99 11.51
N GLY A 54 -21.90 -15.72 12.29
CA GLY A 54 -21.34 -16.99 11.94
C GLY A 54 -20.24 -17.14 10.93
N PHE A 55 -19.44 -16.09 10.76
CA PHE A 55 -18.28 -16.12 9.82
C PHE A 55 -17.13 -16.71 10.66
N GLN A 56 -16.48 -17.68 10.08
CA GLN A 56 -15.37 -18.39 10.70
C GLN A 56 -14.04 -17.70 10.40
N LYS A 57 -14.02 -17.04 9.26
CA LYS A 57 -12.79 -16.35 8.83
C LYS A 57 -13.16 -15.08 8.10
N VAL A 58 -12.17 -14.22 7.96
CA VAL A 58 -12.38 -12.94 7.27
C VAL A 58 -11.25 -12.63 6.30
N PHE A 59 -11.65 -12.19 5.13
CA PHE A 59 -10.79 -11.75 4.05
C PHE A 59 -10.97 -10.23 3.99
N ILE A 60 -9.90 -9.51 4.28
CA ILE A 60 -9.94 -8.03 4.27
C ILE A 60 -9.60 -7.50 2.89
N ALA A 61 -10.58 -6.93 2.19
CA ALA A 61 -10.35 -6.35 0.87
C ALA A 61 -10.61 -4.83 0.93
N LEU A 62 -10.41 -4.27 2.10
CA LEU A 62 -10.53 -2.85 2.42
C LEU A 62 -9.11 -2.25 2.32
N HIS A 63 -9.09 -0.99 1.93
CA HIS A 63 -7.87 -0.20 1.72
C HIS A 63 -7.87 1.11 2.48
N GLY A 64 -6.75 1.45 3.10
CA GLY A 64 -6.64 2.71 3.84
C GLY A 64 -7.02 2.63 5.31
N ARG A 65 -7.31 3.80 5.85
CA ARG A 65 -7.69 3.98 7.27
C ARG A 65 -9.06 3.35 7.47
N GLY A 66 -9.18 2.53 8.50
CA GLY A 66 -10.43 1.84 8.82
C GLY A 66 -10.26 0.33 8.53
N GLY A 67 -9.45 0.01 7.52
CA GLY A 67 -9.23 -1.39 7.19
C GLY A 67 -7.84 -1.94 7.06
N GLU A 68 -6.89 -1.08 6.79
CA GLU A 68 -5.47 -1.42 6.61
C GLU A 68 -4.66 -0.91 7.77
N ASP A 69 -5.30 -0.30 8.75
CA ASP A 69 -4.54 0.22 9.94
C ASP A 69 -4.81 -0.82 11.02
N GLY A 70 -4.26 -0.75 12.21
CA GLY A 70 -4.50 -1.78 13.22
C GLY A 70 -5.85 -1.99 13.81
N THR A 71 -6.77 -1.11 13.62
CA THR A 71 -8.13 -1.07 14.15
C THR A 71 -8.94 -2.31 13.91
N LEU A 72 -9.33 -2.56 12.69
CA LEU A 72 -10.14 -3.73 12.34
C LEU A 72 -9.48 -4.99 12.89
N GLN A 73 -8.20 -5.11 12.60
CA GLN A 73 -7.33 -6.20 13.02
C GLN A 73 -7.35 -6.37 14.53
N GLY A 74 -7.46 -5.30 15.29
CA GLY A 74 -7.49 -5.34 16.75
C GLY A 74 -8.74 -6.00 17.30
N MET A 75 -9.86 -5.61 16.72
CA MET A 75 -11.19 -6.09 17.01
C MET A 75 -11.28 -7.60 16.74
N LEU A 76 -10.88 -7.98 15.55
CA LEU A 76 -10.89 -9.38 15.10
C LEU A 76 -10.07 -10.26 16.04
N GLU A 77 -8.93 -9.74 16.47
CA GLU A 77 -8.06 -10.49 17.39
C GLU A 77 -8.81 -10.84 18.67
N LEU A 78 -9.67 -9.91 19.06
CA LEU A 78 -10.49 -10.01 20.27
C LEU A 78 -11.73 -10.85 20.07
N MET A 79 -12.27 -10.86 18.87
CA MET A 79 -13.44 -11.64 18.50
C MET A 79 -12.99 -13.09 18.25
N GLY A 80 -11.71 -13.29 18.06
CA GLY A 80 -11.11 -14.60 17.85
C GLY A 80 -11.34 -15.18 16.47
N LEU A 81 -11.49 -14.32 15.51
CA LEU A 81 -11.72 -14.66 14.11
C LEU A 81 -10.46 -14.45 13.27
N PRO A 82 -10.10 -15.47 12.52
CA PRO A 82 -8.93 -15.40 11.62
C PRO A 82 -9.29 -14.39 10.52
N TYR A 83 -8.31 -13.67 10.05
CA TYR A 83 -8.43 -12.65 9.00
C TYR A 83 -7.15 -12.73 8.18
N THR A 84 -7.22 -12.33 6.93
CA THR A 84 -6.08 -12.43 6.02
C THR A 84 -4.73 -11.85 6.13
N GLY A 85 -4.43 -10.60 6.32
CA GLY A 85 -3.07 -10.09 6.34
C GLY A 85 -2.27 -9.91 7.56
N SER A 86 -1.56 -8.79 7.66
CA SER A 86 -0.69 -8.47 8.81
C SER A 86 -1.49 -8.24 10.10
N GLY A 87 -0.75 -8.28 11.21
CA GLY A 87 -1.25 -8.13 12.56
C GLY A 87 -1.53 -6.67 12.87
N VAL A 88 -1.90 -6.44 14.12
CA VAL A 88 -2.21 -5.10 14.62
C VAL A 88 -1.07 -4.13 14.31
N MET A 89 0.11 -4.37 14.84
CA MET A 89 1.28 -3.56 14.70
C MET A 89 1.77 -3.24 13.31
N ALA A 90 1.97 -4.24 12.48
CA ALA A 90 2.44 -4.06 11.10
C ALA A 90 1.45 -3.34 10.20
N SER A 91 0.18 -3.43 10.48
CA SER A 91 -0.89 -2.75 9.73
C SER A 91 -0.84 -1.29 10.21
N ALA A 92 -0.55 -1.09 11.49
CA ALA A 92 -0.45 0.26 12.06
C ALA A 92 0.80 0.93 11.52
N LEU A 93 1.88 0.21 11.52
CA LEU A 93 3.18 0.64 11.03
C LEU A 93 3.24 1.00 9.56
N SER A 94 2.66 0.18 8.70
CA SER A 94 2.63 0.35 7.26
C SER A 94 1.80 1.53 6.77
N MET A 95 0.67 1.75 7.38
CA MET A 95 -0.26 2.83 7.04
C MET A 95 0.48 4.18 7.18
N ASP A 96 1.31 4.24 8.20
CA ASP A 96 2.10 5.45 8.51
C ASP A 96 3.44 5.48 7.76
N LYS A 97 3.43 6.12 6.62
CA LYS A 97 4.54 6.35 5.72
C LYS A 97 5.65 7.09 6.45
N LEU A 98 5.27 7.81 7.48
CA LEU A 98 6.20 8.57 8.32
C LEU A 98 6.90 7.67 9.35
N ARG A 99 6.19 6.87 10.10
CA ARG A 99 6.84 6.00 11.09
C ARG A 99 7.51 4.81 10.41
N SER A 100 7.07 4.51 9.20
CA SER A 100 7.61 3.44 8.35
C SER A 100 9.04 3.80 7.92
N LYS A 101 9.16 5.02 7.45
CA LYS A 101 10.40 5.60 7.00
C LYS A 101 11.46 5.69 8.09
N LEU A 102 11.06 5.97 9.32
CA LEU A 102 11.95 6.11 10.47
C LEU A 102 12.43 4.77 10.98
N LEU A 103 11.53 3.81 10.94
CA LEU A 103 11.81 2.43 11.38
C LEU A 103 12.75 1.77 10.39
N TRP A 104 12.44 1.87 9.12
CA TRP A 104 13.27 1.34 8.03
C TRP A 104 14.67 1.97 8.06
N GLN A 105 14.70 3.25 8.34
CA GLN A 105 15.98 3.98 8.40
C GLN A 105 16.70 3.60 9.68
N GLY A 106 15.94 3.31 10.71
CA GLY A 106 16.49 2.88 12.02
C GLY A 106 17.23 1.56 11.83
N ALA A 107 16.73 0.77 10.88
CA ALA A 107 17.32 -0.55 10.56
C ALA A 107 18.32 -0.51 9.41
N GLY A 108 18.69 0.66 8.97
CA GLY A 108 19.61 0.89 7.89
C GLY A 108 19.09 0.61 6.49
N LEU A 109 17.80 0.60 6.22
CA LEU A 109 17.32 0.37 4.84
C LEU A 109 17.33 1.69 4.08
N PRO A 110 17.48 1.58 2.77
CA PRO A 110 17.53 2.77 1.89
C PRO A 110 16.15 3.35 1.67
N VAL A 111 15.93 4.45 2.35
CA VAL A 111 14.70 5.27 2.37
C VAL A 111 15.09 6.66 1.86
N ALA A 112 14.25 7.33 1.12
CA ALA A 112 14.54 8.64 0.55
C ALA A 112 14.58 9.79 1.53
N PRO A 113 15.53 10.70 1.28
CA PRO A 113 15.71 11.90 2.10
C PRO A 113 14.36 12.62 2.17
N TRP A 114 13.93 12.99 3.37
CA TRP A 114 12.65 13.65 3.59
C TRP A 114 12.62 14.65 4.74
N VAL A 115 11.50 15.36 4.83
CA VAL A 115 11.17 16.34 5.84
C VAL A 115 9.70 16.14 6.25
N ALA A 116 9.41 16.05 7.51
CA ALA A 116 8.02 15.85 7.98
C ALA A 116 7.43 17.14 8.47
N LEU A 117 6.16 17.37 8.16
CA LEU A 117 5.48 18.60 8.57
C LEU A 117 4.13 18.21 9.18
N THR A 118 3.75 18.83 10.27
CA THR A 118 2.42 18.57 10.87
C THR A 118 1.57 19.75 10.37
N ARG A 119 0.25 19.63 10.46
CA ARG A 119 -0.58 20.73 9.99
C ARG A 119 -0.43 22.01 10.80
N ALA A 120 -0.35 21.91 12.11
CA ALA A 120 -0.19 23.05 13.01
C ALA A 120 1.08 23.84 12.67
N GLU A 121 2.06 23.09 12.19
CA GLU A 121 3.34 23.72 11.79
C GLU A 121 3.01 24.61 10.60
N PHE A 122 2.10 24.13 9.79
CA PHE A 122 1.58 24.73 8.56
C PHE A 122 0.62 25.89 8.75
N GLU A 123 -0.16 25.85 9.81
CA GLU A 123 -1.15 26.88 10.11
C GLU A 123 -0.59 28.18 10.63
N LYS A 124 0.54 28.11 11.25
CA LYS A 124 1.35 29.13 11.90
C LYS A 124 2.34 29.80 10.95
N GLY A 125 2.50 29.20 9.80
CA GLY A 125 3.48 29.68 8.79
C GLY A 125 4.77 28.93 9.21
N LEU A 126 5.26 28.13 8.30
CA LEU A 126 6.48 27.33 8.56
C LEU A 126 7.70 28.24 8.47
N SER A 127 8.65 28.00 9.37
CA SER A 127 9.90 28.75 9.48
C SER A 127 10.63 28.90 8.14
N ASP A 128 11.00 30.15 7.88
CA ASP A 128 11.75 30.49 6.65
C ASP A 128 13.01 29.57 6.70
N LYS A 129 13.24 29.17 7.94
CA LYS A 129 14.36 28.32 8.35
C LYS A 129 13.88 26.88 8.52
N GLN A 130 13.03 26.54 7.57
CA GLN A 130 12.36 25.22 7.45
C GLN A 130 12.32 24.88 5.96
N LEU A 131 12.33 25.93 5.14
CA LEU A 131 12.35 25.77 3.68
C LEU A 131 13.87 25.61 3.34
N ALA A 132 14.61 25.71 4.42
CA ALA A 132 16.07 25.59 4.42
C ALA A 132 16.36 24.08 4.34
N GLU A 133 15.42 23.41 4.97
CA GLU A 133 15.32 21.98 5.13
C GLU A 133 14.82 21.24 3.91
N ILE A 134 13.69 21.73 3.42
CA ILE A 134 12.99 21.21 2.25
C ILE A 134 13.84 21.49 1.00
N SER A 135 14.56 22.61 1.09
CA SER A 135 15.42 23.03 -0.01
C SER A 135 16.68 22.19 -0.09
N ALA A 136 17.23 21.78 1.02
CA ALA A 136 18.45 20.96 1.08
C ALA A 136 18.22 19.56 0.52
N LEU A 137 17.00 19.37 0.03
CA LEU A 137 16.50 18.12 -0.54
C LEU A 137 16.68 18.00 -2.04
N GLY A 138 16.22 19.00 -2.74
CA GLY A 138 16.29 19.14 -4.18
C GLY A 138 15.02 19.74 -4.76
N LEU A 139 15.09 19.82 -6.06
CA LEU A 139 14.04 20.29 -6.98
C LEU A 139 14.11 19.22 -8.09
N PRO A 140 13.04 18.45 -8.21
CA PRO A 140 11.81 18.56 -7.45
C PRO A 140 11.77 17.63 -6.24
N VAL A 141 10.64 17.83 -5.55
CA VAL A 141 10.30 17.03 -4.37
C VAL A 141 8.82 16.67 -4.59
N ILE A 142 8.41 15.68 -3.85
CA ILE A 142 7.04 15.19 -3.89
C ILE A 142 6.42 15.42 -2.51
N VAL A 143 5.16 15.76 -2.52
CA VAL A 143 4.39 16.00 -1.29
C VAL A 143 3.38 14.83 -1.21
N LYS A 144 3.31 14.21 -0.08
CA LYS A 144 2.35 13.12 0.11
C LYS A 144 1.80 13.17 1.54
N PRO A 145 0.54 12.80 1.64
CA PRO A 145 -0.12 12.72 2.96
C PRO A 145 0.58 11.54 3.64
N SER A 146 0.63 11.48 4.94
CA SER A 146 1.28 10.38 5.63
C SER A 146 0.55 9.05 5.53
N ARG A 147 -0.74 9.02 5.75
CA ARG A 147 -1.51 7.77 5.72
C ARG A 147 -2.48 7.49 4.62
N GLU A 148 -2.18 7.86 3.41
CA GLU A 148 -3.05 7.59 2.24
C GLU A 148 -2.48 6.48 1.36
N GLY A 149 -3.22 6.14 0.34
CA GLY A 149 -2.91 5.11 -0.65
C GLY A 149 -3.56 5.58 -1.96
N SER A 150 -3.31 4.97 -3.06
CA SER A 150 -3.80 5.24 -4.39
C SER A 150 -3.42 6.59 -4.98
N SER A 151 -2.32 7.12 -4.52
CA SER A 151 -1.74 8.39 -4.96
C SER A 151 -2.61 9.61 -4.65
N VAL A 152 -3.39 9.52 -3.61
CA VAL A 152 -4.28 10.55 -3.10
C VAL A 152 -3.47 11.56 -2.27
N GLY A 153 -3.75 12.82 -2.56
CA GLY A 153 -3.21 14.00 -1.98
C GLY A 153 -1.79 14.37 -2.39
N MET A 154 -1.18 13.52 -3.18
CA MET A 154 0.20 13.70 -3.64
C MET A 154 0.30 14.74 -4.75
N SER A 155 1.49 15.30 -4.77
CA SER A 155 1.76 16.36 -5.77
C SER A 155 3.26 16.53 -5.90
N LYS A 156 3.72 16.76 -7.09
CA LYS A 156 5.18 16.98 -7.36
C LYS A 156 5.42 18.49 -7.39
N VAL A 157 6.52 18.89 -6.75
CA VAL A 157 6.83 20.33 -6.74
C VAL A 157 8.24 20.60 -7.23
N VAL A 158 8.25 21.43 -8.27
CA VAL A 158 9.51 21.89 -8.87
C VAL A 158 9.53 23.36 -8.35
N ALA A 159 10.63 23.70 -7.74
CA ALA A 159 10.80 25.02 -7.15
C ALA A 159 9.89 25.11 -5.92
N GLU A 160 10.45 25.83 -4.97
CA GLU A 160 9.87 26.12 -3.66
C GLU A 160 8.63 26.98 -3.81
N ASN A 161 8.47 27.55 -4.97
CA ASN A 161 7.36 28.43 -5.33
C ASN A 161 6.01 27.74 -5.45
N ALA A 162 5.97 26.42 -5.57
CA ALA A 162 4.67 25.73 -5.70
C ALA A 162 4.32 24.88 -4.50
N LEU A 163 5.15 24.83 -3.48
CA LEU A 163 4.97 24.04 -2.28
C LEU A 163 3.79 24.35 -1.37
N GLN A 164 3.49 25.61 -1.18
CA GLN A 164 2.38 26.03 -0.30
C GLN A 164 1.09 25.35 -0.72
N ASP A 165 0.91 25.23 -2.03
CA ASP A 165 -0.29 24.64 -2.64
C ASP A 165 -0.27 23.11 -2.56
N ALA A 166 0.91 22.58 -2.80
CA ALA A 166 1.11 21.12 -2.72
C ALA A 166 0.62 20.72 -1.33
N LEU A 167 1.20 21.37 -0.33
CA LEU A 167 0.89 21.16 1.09
C LEU A 167 -0.57 21.42 1.45
N ARG A 168 -1.20 22.40 0.82
CA ARG A 168 -2.61 22.69 1.16
C ARG A 168 -3.41 21.41 0.95
N LEU A 169 -3.19 20.84 -0.22
CA LEU A 169 -3.79 19.62 -0.74
C LEU A 169 -3.58 18.38 0.11
N ALA A 170 -2.35 18.06 0.42
CA ALA A 170 -1.90 16.93 1.22
C ALA A 170 -2.49 16.94 2.62
N PHE A 171 -2.70 18.15 3.13
CA PHE A 171 -3.24 18.40 4.47
C PHE A 171 -4.74 18.14 4.58
N GLN A 172 -5.46 18.19 3.48
CA GLN A 172 -6.90 17.96 3.41
C GLN A 172 -7.16 16.45 3.61
N HIS A 173 -6.05 15.72 3.69
CA HIS A 173 -6.07 14.27 3.81
C HIS A 173 -5.47 13.74 5.08
N ASP A 174 -4.50 14.43 5.60
CA ASP A 174 -3.83 14.02 6.83
C ASP A 174 -3.16 15.20 7.50
N GLU A 175 -3.03 15.15 8.81
CA GLU A 175 -2.40 16.21 9.61
C GLU A 175 -0.89 16.08 9.70
N GLU A 176 -0.38 14.97 9.19
CA GLU A 176 1.07 14.66 9.16
C GLU A 176 1.39 14.48 7.69
N VAL A 177 2.41 15.18 7.26
CA VAL A 177 2.87 15.18 5.86
C VAL A 177 4.37 14.92 5.71
N LEU A 178 4.74 14.21 4.66
CA LEU A 178 6.14 13.97 4.35
C LEU A 178 6.38 14.81 3.06
N ILE A 179 7.53 15.42 3.04
CA ILE A 179 8.04 16.20 1.90
C ILE A 179 9.37 15.43 1.61
N GLU A 180 9.39 14.76 0.49
CA GLU A 180 10.54 13.95 0.08
C GLU A 180 11.04 14.24 -1.31
N LYS A 181 12.31 13.92 -1.46
CA LYS A 181 13.16 14.05 -2.64
C LYS A 181 12.70 13.16 -3.78
N TRP A 182 12.63 13.76 -4.95
CA TRP A 182 12.24 13.13 -6.19
C TRP A 182 13.31 12.07 -6.57
N LEU A 183 12.78 10.87 -6.76
CA LEU A 183 13.64 9.74 -7.19
C LEU A 183 13.51 9.82 -8.69
N SER A 184 14.64 9.77 -9.35
CA SER A 184 14.66 9.91 -10.85
C SER A 184 15.03 8.58 -11.47
N GLY A 185 14.00 7.71 -11.53
CA GLY A 185 14.32 6.36 -12.11
C GLY A 185 13.05 5.56 -12.19
N PRO A 186 13.22 4.33 -12.69
CA PRO A 186 12.09 3.43 -12.87
C PRO A 186 11.58 3.10 -11.48
N GLU A 187 10.32 2.75 -11.47
CA GLU A 187 9.52 2.35 -10.34
C GLU A 187 9.25 0.85 -10.34
N PHE A 188 9.15 0.31 -9.12
CA PHE A 188 8.93 -1.13 -8.95
C PHE A 188 8.07 -1.45 -7.75
N THR A 189 7.40 -2.58 -7.84
CA THR A 189 6.57 -3.18 -6.80
C THR A 189 6.91 -4.69 -6.73
N VAL A 190 6.75 -5.19 -5.51
CA VAL A 190 7.01 -6.60 -5.20
C VAL A 190 5.92 -7.09 -4.26
N ALA A 191 5.32 -8.18 -4.71
CA ALA A 191 4.24 -8.84 -3.97
C ALA A 191 4.88 -9.98 -3.17
N ILE A 192 4.30 -10.21 -2.03
CA ILE A 192 4.64 -11.26 -1.09
C ILE A 192 3.37 -12.06 -0.78
N LEU A 193 3.57 -13.36 -0.71
CA LEU A 193 2.48 -14.35 -0.43
C LEU A 193 3.11 -15.39 0.49
N GLY A 194 2.68 -15.46 1.71
CA GLY A 194 3.32 -16.45 2.65
C GLY A 194 4.80 -15.96 2.69
N GLU A 195 5.73 -16.89 2.52
CA GLU A 195 7.15 -16.55 2.52
C GLU A 195 7.70 -16.47 1.09
N GLU A 196 6.80 -16.53 0.15
CA GLU A 196 7.27 -16.44 -1.26
C GLU A 196 7.05 -14.99 -1.71
N ILE A 197 7.95 -14.61 -2.57
CA ILE A 197 7.99 -13.28 -3.19
C ILE A 197 7.87 -13.49 -4.70
N LEU A 198 6.83 -12.89 -5.25
CA LEU A 198 6.46 -12.97 -6.64
C LEU A 198 7.33 -12.18 -7.58
N PRO A 199 7.43 -12.69 -8.80
CA PRO A 199 8.22 -12.01 -9.86
C PRO A 199 7.89 -10.53 -9.76
N SER A 200 8.93 -9.72 -9.81
CA SER A 200 8.92 -8.27 -9.72
C SER A 200 8.19 -7.61 -10.89
N ILE A 201 7.69 -6.41 -10.65
CA ILE A 201 7.01 -5.61 -11.63
C ILE A 201 7.62 -4.19 -11.67
N ARG A 202 7.70 -3.74 -12.89
CA ARG A 202 8.16 -2.46 -13.33
C ARG A 202 6.93 -1.78 -13.97
N ILE A 203 6.66 -0.61 -13.46
CA ILE A 203 5.54 0.22 -13.94
C ILE A 203 6.07 1.40 -14.73
N GLN A 204 5.33 1.71 -15.77
CA GLN A 204 5.67 2.83 -16.66
C GLN A 204 4.39 3.61 -16.95
N PRO A 205 4.16 4.56 -16.07
CA PRO A 205 2.97 5.43 -16.16
C PRO A 205 3.15 6.30 -17.38
N SER A 206 2.06 6.71 -17.99
CA SER A 206 2.15 7.55 -19.20
C SER A 206 2.12 9.02 -18.81
N GLY A 207 2.52 9.33 -17.60
CA GLY A 207 2.52 10.69 -17.08
C GLY A 207 3.72 11.00 -16.19
N THR A 208 3.46 11.89 -15.23
CA THR A 208 4.47 12.36 -14.29
C THR A 208 4.81 11.41 -13.14
N PHE A 209 3.79 10.84 -12.56
CA PHE A 209 3.99 9.89 -11.43
C PHE A 209 2.86 8.87 -11.58
N TYR A 210 2.95 7.80 -10.84
CA TYR A 210 1.88 6.74 -10.94
C TYR A 210 0.72 7.25 -10.10
N ASP A 211 -0.13 8.04 -10.76
CA ASP A 211 -1.27 8.70 -10.12
C ASP A 211 -2.56 7.91 -10.23
N TYR A 212 -3.45 8.22 -9.31
CA TYR A 212 -4.74 7.58 -9.22
C TYR A 212 -5.32 7.18 -10.57
N GLU A 213 -5.17 8.05 -11.54
CA GLU A 213 -5.67 7.87 -12.90
C GLU A 213 -4.81 6.91 -13.72
N ALA A 214 -3.54 6.94 -13.46
CA ALA A 214 -2.58 6.07 -14.14
C ALA A 214 -2.86 4.66 -13.58
N LYS A 215 -3.03 4.66 -12.27
CA LYS A 215 -3.25 3.43 -11.51
C LYS A 215 -4.48 2.64 -11.93
N TYR A 216 -5.62 3.29 -12.01
CA TYR A 216 -6.89 2.66 -12.33
C TYR A 216 -7.63 3.09 -13.57
N LEU A 217 -7.53 4.29 -14.08
CA LEU A 217 -8.32 4.66 -15.27
C LEU A 217 -7.49 5.23 -16.39
N SER A 218 -6.63 4.41 -16.93
CA SER A 218 -5.72 4.78 -18.04
C SER A 218 -5.16 3.44 -18.55
N ASP A 219 -5.29 3.22 -19.85
CA ASP A 219 -4.81 1.96 -20.46
C ASP A 219 -3.47 2.17 -21.16
N GLU A 220 -2.79 3.24 -20.81
CA GLU A 220 -1.49 3.60 -21.33
C GLU A 220 -0.35 3.21 -20.39
N THR A 221 -0.61 3.23 -19.09
CA THR A 221 0.47 2.83 -18.15
C THR A 221 0.92 1.45 -18.61
N GLN A 222 2.20 1.21 -18.55
CA GLN A 222 2.83 -0.04 -18.97
C GLN A 222 3.44 -0.82 -17.81
N TYR A 223 3.29 -2.13 -17.96
CA TYR A 223 3.73 -3.14 -17.01
C TYR A 223 4.57 -4.25 -17.66
N PHE A 224 5.66 -4.49 -16.97
CA PHE A 224 6.69 -5.45 -17.29
C PHE A 224 6.88 -6.42 -16.12
N CYS A 225 6.70 -7.67 -16.49
CA CYS A 225 6.84 -8.77 -15.55
C CYS A 225 7.57 -9.97 -16.16
N PRO A 226 8.73 -10.32 -15.58
CA PRO A 226 9.38 -9.63 -14.47
C PRO A 226 9.89 -8.28 -15.00
N ALA A 227 10.54 -7.54 -14.14
CA ALA A 227 11.11 -6.23 -14.22
C ALA A 227 12.06 -5.88 -15.33
N GLY A 228 12.64 -6.84 -16.02
CA GLY A 228 13.59 -6.65 -17.11
C GLY A 228 14.97 -6.26 -16.59
N LEU A 229 15.25 -6.70 -15.40
CA LEU A 229 16.44 -6.45 -14.62
C LEU A 229 17.49 -7.56 -14.70
N GLU A 230 18.74 -7.10 -14.68
CA GLU A 230 19.89 -7.99 -14.72
C GLU A 230 19.73 -8.82 -13.42
N ALA A 231 20.14 -10.05 -13.46
CA ALA A 231 20.05 -10.94 -12.31
C ALA A 231 20.85 -10.46 -11.11
N SER A 232 21.62 -9.40 -11.28
CA SER A 232 22.39 -8.83 -10.15
C SER A 232 21.37 -8.09 -9.24
N GLN A 233 20.73 -7.16 -9.86
CA GLN A 233 19.71 -6.24 -9.38
C GLN A 233 18.45 -6.90 -8.87
N GLU A 234 18.00 -7.91 -9.58
CA GLU A 234 16.78 -8.67 -9.26
C GLU A 234 16.94 -9.45 -7.98
N ALA A 235 18.15 -9.41 -7.46
CA ALA A 235 18.44 -10.13 -6.19
C ALA A 235 18.58 -9.13 -5.05
N ASN A 236 18.98 -7.92 -5.42
CA ASN A 236 19.16 -6.83 -4.45
C ASN A 236 17.76 -6.36 -3.99
N LEU A 237 16.84 -6.49 -4.93
CA LEU A 237 15.45 -6.10 -4.77
C LEU A 237 14.77 -6.99 -3.74
N GLN A 238 14.63 -8.24 -4.08
CA GLN A 238 14.00 -9.28 -3.26
C GLN A 238 14.47 -9.30 -1.81
N ALA A 239 15.77 -9.15 -1.65
CA ALA A 239 16.49 -9.16 -0.39
C ALA A 239 16.15 -7.89 0.40
N LEU A 240 15.98 -6.82 -0.34
CA LEU A 240 15.63 -5.52 0.21
C LEU A 240 14.16 -5.50 0.65
N VAL A 241 13.33 -6.02 -0.21
CA VAL A 241 11.89 -6.09 0.02
C VAL A 241 11.58 -7.02 1.19
N LEU A 242 12.43 -8.02 1.29
CA LEU A 242 12.27 -9.03 2.35
C LEU A 242 12.77 -8.53 3.69
N LYS A 243 13.84 -7.77 3.67
CA LYS A 243 14.43 -7.17 4.89
C LYS A 243 13.38 -6.19 5.46
N ALA A 244 12.84 -5.45 4.53
CA ALA A 244 11.83 -4.43 4.65
C ALA A 244 10.57 -4.99 5.29
N TRP A 245 10.18 -6.13 4.74
CA TRP A 245 8.95 -6.83 5.18
C TRP A 245 9.07 -7.33 6.59
N THR A 246 10.14 -7.97 6.98
CA THR A 246 10.38 -8.50 8.33
C THR A 246 10.57 -7.42 9.36
N THR A 247 11.12 -6.28 8.92
CA THR A 247 11.35 -5.13 9.80
C THR A 247 10.01 -4.55 10.24
N LEU A 248 9.04 -4.61 9.36
CA LEU A 248 7.67 -4.10 9.65
C LEU A 248 6.90 -5.11 10.49
N GLY A 249 7.31 -6.37 10.35
CA GLY A 249 6.72 -7.50 11.06
C GLY A 249 5.43 -7.97 10.38
N CYS A 250 5.25 -7.61 9.13
CA CYS A 250 4.13 -7.95 8.30
C CYS A 250 4.14 -9.47 8.02
N LYS A 251 2.95 -9.97 7.74
CA LYS A 251 2.75 -11.41 7.45
C LYS A 251 1.61 -11.62 6.48
N GLY A 252 1.38 -12.86 6.14
CA GLY A 252 0.34 -13.29 5.24
C GLY A 252 0.59 -12.86 3.82
N TRP A 253 0.24 -11.63 3.50
CA TRP A 253 0.41 -11.12 2.13
C TRP A 253 0.49 -9.60 2.20
N GLY A 254 1.07 -9.02 1.18
CA GLY A 254 1.26 -7.57 1.05
C GLY A 254 2.12 -7.26 -0.18
N ARG A 255 2.35 -6.01 -0.46
CA ARG A 255 3.11 -5.51 -1.60
C ARG A 255 3.92 -4.25 -1.33
N ILE A 256 5.22 -4.29 -1.66
CA ILE A 256 6.12 -3.16 -1.45
C ILE A 256 6.49 -2.39 -2.70
N ASP A 257 6.42 -1.06 -2.59
CA ASP A 257 6.76 -0.13 -3.69
C ASP A 257 8.21 0.35 -3.47
N VAL A 258 8.92 0.45 -4.55
CA VAL A 258 10.33 0.83 -4.58
C VAL A 258 10.61 1.57 -5.88
N MET A 259 11.72 2.28 -5.87
CA MET A 259 12.18 3.03 -7.04
C MET A 259 13.71 3.15 -7.01
N LEU A 260 14.20 3.24 -8.24
CA LEU A 260 15.62 3.50 -8.48
C LEU A 260 15.80 5.03 -8.41
N ASP A 261 17.02 5.39 -8.07
CA ASP A 261 17.48 6.78 -8.00
C ASP A 261 18.80 6.79 -8.80
N SER A 262 19.14 7.98 -9.23
CA SER A 262 20.31 8.30 -10.01
C SER A 262 21.61 7.65 -9.57
N ASP A 263 21.74 7.38 -8.29
CA ASP A 263 22.99 6.79 -7.77
C ASP A 263 23.06 5.28 -7.99
N GLY A 264 21.99 4.77 -8.60
CA GLY A 264 21.73 3.41 -8.96
C GLY A 264 21.20 2.51 -7.88
N GLN A 265 20.76 3.08 -6.77
CA GLN A 265 20.21 2.30 -5.65
C GLN A 265 18.70 2.26 -5.60
N PHE A 266 18.24 1.23 -4.89
CA PHE A 266 16.82 0.95 -4.69
C PHE A 266 16.40 1.68 -3.40
N TYR A 267 15.33 2.43 -3.54
CA TYR A 267 14.73 3.18 -2.44
C TYR A 267 13.32 2.67 -2.17
N LEU A 268 13.03 2.44 -0.91
CA LEU A 268 11.75 1.95 -0.41
C LEU A 268 10.78 3.12 -0.20
N LEU A 269 9.67 3.13 -0.88
CA LEU A 269 8.62 4.16 -0.80
C LEU A 269 7.65 3.92 0.36
N GLU A 270 7.06 2.73 0.35
CA GLU A 270 6.10 2.28 1.37
C GLU A 270 5.67 0.83 1.13
N ALA A 271 5.02 0.28 2.11
CA ALA A 271 4.47 -1.09 2.09
C ALA A 271 2.94 -1.03 2.17
N ASN A 272 2.27 -1.93 1.49
CA ASN A 272 0.80 -2.02 1.46
C ASN A 272 0.36 -3.39 1.97
N THR A 273 -0.24 -3.44 3.14
CA THR A 273 -0.68 -4.68 3.75
C THR A 273 -2.01 -5.27 3.33
N SER A 274 -2.69 -4.63 2.43
CA SER A 274 -3.98 -5.04 1.85
C SER A 274 -4.06 -4.42 0.45
N PRO A 275 -3.29 -4.99 -0.48
CA PRO A 275 -3.20 -4.54 -1.86
C PRO A 275 -4.49 -4.68 -2.65
N GLY A 276 -4.64 -3.85 -3.66
CA GLY A 276 -5.84 -3.89 -4.53
C GLY A 276 -5.83 -5.23 -5.29
N MET A 277 -6.96 -5.53 -5.87
CA MET A 277 -7.24 -6.75 -6.63
C MET A 277 -8.32 -6.54 -7.69
N THR A 278 -8.20 -5.42 -8.35
CA THR A 278 -9.08 -4.95 -9.43
C THR A 278 -8.45 -5.40 -10.73
N SER A 279 -9.07 -5.15 -11.85
CA SER A 279 -8.54 -5.54 -13.15
C SER A 279 -7.26 -4.81 -13.55
N HIS A 280 -6.78 -3.92 -12.75
CA HIS A 280 -5.61 -3.08 -12.94
C HIS A 280 -4.54 -3.32 -11.88
N SER A 281 -4.86 -4.08 -10.86
CA SER A 281 -3.96 -4.34 -9.74
C SER A 281 -2.75 -5.19 -10.10
N LEU A 282 -1.71 -4.93 -9.36
CA LEU A 282 -0.38 -5.45 -9.38
C LEU A 282 -0.18 -6.82 -8.76
N VAL A 283 -0.82 -7.08 -7.65
CA VAL A 283 -0.68 -8.39 -6.98
C VAL A 283 -1.13 -9.52 -7.91
N PRO A 284 -2.24 -9.34 -8.57
CA PRO A 284 -2.80 -10.35 -9.48
C PRO A 284 -1.97 -10.53 -10.72
N MET A 285 -1.33 -9.47 -11.13
CA MET A 285 -0.41 -9.42 -12.30
C MET A 285 0.84 -10.25 -11.99
N ALA A 286 1.42 -10.03 -10.82
CA ALA A 286 2.62 -10.74 -10.35
C ALA A 286 2.36 -12.23 -10.15
N ALA A 287 1.15 -12.52 -9.69
CA ALA A 287 0.73 -13.90 -9.43
C ALA A 287 0.54 -14.67 -10.71
N ARG A 288 -0.16 -14.16 -11.69
CA ARG A 288 -0.39 -14.83 -12.97
C ARG A 288 0.95 -15.28 -13.57
N GLN A 289 1.85 -14.33 -13.64
CA GLN A 289 3.21 -14.50 -14.13
C GLN A 289 3.83 -15.69 -13.38
N ALA A 290 3.39 -15.95 -12.16
CA ALA A 290 3.87 -17.07 -11.36
C ALA A 290 2.92 -18.28 -11.43
N GLY A 291 2.17 -18.40 -12.50
CA GLY A 291 1.25 -19.43 -12.86
C GLY A 291 0.04 -19.76 -12.04
N MET A 292 -0.38 -18.79 -11.24
CA MET A 292 -1.58 -19.03 -10.39
C MET A 292 -2.71 -18.36 -11.14
N SER A 293 -3.92 -18.70 -10.72
CA SER A 293 -5.13 -18.09 -11.35
C SER A 293 -5.69 -17.17 -10.24
N PHE A 294 -6.49 -16.22 -10.64
CA PHE A 294 -7.04 -15.31 -9.66
C PHE A 294 -7.66 -16.03 -8.48
N SER A 295 -8.26 -17.18 -8.62
CA SER A 295 -8.88 -17.87 -7.48
C SER A 295 -7.87 -18.57 -6.59
N GLN A 296 -6.86 -19.17 -7.19
CA GLN A 296 -5.78 -19.84 -6.48
C GLN A 296 -5.07 -18.84 -5.55
N LEU A 297 -4.78 -17.68 -6.12
CA LEU A 297 -4.12 -16.60 -5.41
C LEU A 297 -4.82 -16.30 -4.08
N VAL A 298 -6.02 -15.79 -4.27
CA VAL A 298 -6.94 -15.38 -3.22
C VAL A 298 -7.21 -16.50 -2.23
N VAL A 299 -7.34 -17.70 -2.75
CA VAL A 299 -7.59 -18.91 -1.94
C VAL A 299 -6.38 -19.17 -1.04
N ARG A 300 -5.21 -18.99 -1.65
CA ARG A 300 -3.91 -19.16 -0.99
C ARG A 300 -3.79 -18.14 0.14
N ILE A 301 -4.23 -16.93 -0.18
CA ILE A 301 -4.23 -15.84 0.78
C ILE A 301 -5.13 -16.21 1.96
N LEU A 302 -6.29 -16.80 1.67
CA LEU A 302 -7.21 -17.19 2.76
C LEU A 302 -6.64 -18.30 3.61
N GLU A 303 -5.87 -19.17 3.02
CA GLU A 303 -5.22 -20.32 3.65
C GLU A 303 -4.26 -19.88 4.77
N LEU A 304 -3.71 -18.71 4.57
CA LEU A 304 -2.78 -17.96 5.38
C LEU A 304 -3.41 -17.16 6.51
N ALA A 305 -4.72 -17.05 6.54
CA ALA A 305 -5.50 -16.33 7.54
C ALA A 305 -5.25 -16.89 8.96
N ASP A 306 -5.01 -15.93 9.83
CA ASP A 306 -4.73 -16.20 11.26
C ASP A 306 -5.12 -14.94 12.05
#